data_1XRU
#
_entry.id   1XRU
#
_cell.length_a   102.972
_cell.length_b   102.972
_cell.length_c   176.862
_cell.angle_alpha   90.00
_cell.angle_beta   90.00
_cell.angle_gamma   120.00
#
_symmetry.space_group_name_H-M   'H 3'
#
loop_
_entity.id
_entity.type
_entity.pdbx_description
1 polymer '4-deoxy-L-threo-5-hexosulose-uronate ketol-isomerase'
2 non-polymer 'ZINC ION'
3 non-polymer 'PENTAETHYLENE GLYCOL'
4 water water
#
_entity_poly.entity_id   1
_entity_poly.type   'polypeptide(L)'
_entity_poly.pdbx_seq_one_letter_code
;GSAMDVRQSIHSAHAKTLDTQGLRNEFLVEKVFVADEYT(MSE)VYSHIDRIIVGGI(MSE)PITKTVSVGGEVGKQLGV
SYFLERRELGVINIGGAGTITVDGQCYEIGHRDALYVGKGAKEVVFASIDTGTPAKFYYNCAPAHTTYPTKKVTPDEVSP
VTLGDNLTSNRRTINKYFVPDVLETCQLS(MSE)GLTELAPGNLWNT(MSE)PCHTHERR(MSE)EVYFYFN(MSE)DDD
ACVFH(MSE)(MSE)GQPQETRHIV(MSE)HNEQAVISPSWSIHSGVGTKAYTFIWG(MSE)VGENQVFDD(MSE)DHVA
VKEICA
;
_entity_poly.pdbx_strand_id   A,B
#
loop_
_chem_comp.id
_chem_comp.type
_chem_comp.name
_chem_comp.formula
1PE non-polymer 'PENTAETHYLENE GLYCOL' 'C10 H22 O6'
ZN non-polymer 'ZINC ION' 'Zn 2'
#
# COMPACT_ATOMS: atom_id res chain seq x y z
N GLY A 1 6.01 -22.82 -5.27
CA GLY A 1 5.02 -22.91 -6.37
C GLY A 1 5.43 -22.10 -7.59
N SER A 2 4.46 -21.53 -8.28
CA SER A 2 4.73 -20.73 -9.47
C SER A 2 5.66 -19.56 -9.12
N ALA A 3 6.60 -19.28 -10.02
CA ALA A 3 7.54 -18.19 -9.81
C ALA A 3 6.80 -16.86 -9.65
N MET A 4 7.29 -16.04 -8.72
CA MET A 4 6.69 -14.73 -8.48
C MET A 4 7.77 -13.64 -8.56
N ASP A 5 7.65 -12.80 -9.58
CA ASP A 5 8.60 -11.70 -9.81
C ASP A 5 8.24 -10.55 -8.87
N VAL A 6 9.05 -10.36 -7.82
CA VAL A 6 8.79 -9.30 -6.84
C VAL A 6 9.61 -8.03 -7.03
N ARG A 7 8.94 -6.89 -7.15
CA ARG A 7 9.62 -5.61 -7.31
C ARG A 7 9.45 -4.78 -6.03
N GLN A 8 10.56 -4.26 -5.51
CA GLN A 8 10.50 -3.45 -4.30
C GLN A 8 10.00 -2.05 -4.59
N SER A 9 9.65 -1.31 -3.54
CA SER A 9 9.22 0.07 -3.71
C SER A 9 10.55 0.81 -3.89
N ILE A 10 10.50 2.05 -4.36
CA ILE A 10 11.75 2.77 -4.57
C ILE A 10 11.66 4.28 -4.34
N HIS A 11 12.71 4.83 -3.76
CA HIS A 11 12.84 6.25 -3.43
C HIS A 11 13.27 7.03 -4.67
N SER A 12 12.72 8.23 -4.86
CA SER A 12 13.08 9.02 -6.04
C SER A 12 14.58 9.29 -6.17
N ALA A 13 15.27 9.45 -5.04
CA ALA A 13 16.71 9.73 -5.06
C ALA A 13 17.51 8.51 -5.55
N HIS A 14 16.96 7.33 -5.34
CA HIS A 14 17.58 6.08 -5.75
C HIS A 14 17.34 5.90 -7.25
N ALA A 15 16.09 6.05 -7.65
CA ALA A 15 15.72 5.90 -9.06
C ALA A 15 16.51 6.82 -10.00
N LYS A 16 16.79 8.05 -9.57
CA LYS A 16 17.52 8.95 -10.45
C LYS A 16 18.97 8.54 -10.72
N THR A 17 19.49 7.55 -10.00
CA THR A 17 20.86 7.08 -10.23
C THR A 17 20.93 5.81 -11.07
N LEU A 18 19.78 5.21 -11.36
CA LEU A 18 19.75 3.97 -12.13
C LEU A 18 20.08 4.16 -13.61
N ASP A 19 20.89 3.26 -14.16
CA ASP A 19 21.21 3.35 -15.58
C ASP A 19 20.09 2.69 -16.37
N THR A 20 20.27 2.56 -17.67
CA THR A 20 19.24 1.97 -18.52
C THR A 20 18.76 0.61 -18.04
N GLN A 21 19.70 -0.31 -17.81
CA GLN A 21 19.34 -1.65 -17.37
C GLN A 21 18.74 -1.62 -15.97
N GLY A 22 19.26 -0.74 -15.12
CA GLY A 22 18.74 -0.63 -13.77
C GLY A 22 17.27 -0.22 -13.76
N LEU A 23 16.91 0.71 -14.64
CA LEU A 23 15.52 1.16 -14.75
C LEU A 23 14.63 0.01 -15.22
N ARG A 24 15.12 -0.74 -16.20
CA ARG A 24 14.35 -1.88 -16.73
C ARG A 24 14.16 -2.95 -15.65
N ASN A 25 15.21 -3.26 -14.91
CA ASN A 25 15.12 -4.28 -13.86
C ASN A 25 14.08 -3.94 -12.79
N GLU A 26 13.96 -2.66 -12.49
CA GLU A 26 13.01 -2.22 -11.47
C GLU A 26 11.58 -2.02 -11.94
N PHE A 27 11.41 -1.26 -13.03
CA PHE A 27 10.08 -0.91 -13.51
C PHE A 27 9.44 -1.66 -14.67
N LEU A 28 10.25 -2.31 -15.50
CA LEU A 28 9.71 -2.99 -16.66
C LEU A 28 9.37 -4.47 -16.50
N VAL A 29 8.22 -4.86 -17.04
CA VAL A 29 7.79 -6.26 -17.02
C VAL A 29 7.90 -6.65 -18.49
N GLU A 30 8.98 -7.35 -18.84
CA GLU A 30 9.24 -7.74 -20.21
C GLU A 30 8.41 -8.86 -20.81
N LYS A 31 7.99 -9.81 -19.98
CA LYS A 31 7.19 -10.92 -20.46
C LYS A 31 5.86 -10.96 -19.72
N VAL A 32 4.78 -10.62 -20.43
CA VAL A 32 3.45 -10.62 -19.83
C VAL A 32 2.65 -11.85 -20.27
N PHE A 33 2.77 -12.23 -21.54
CA PHE A 33 2.03 -13.39 -22.04
C PHE A 33 2.94 -14.56 -22.39
N VAL A 34 2.69 -15.69 -21.74
CA VAL A 34 3.44 -16.92 -21.96
C VAL A 34 2.42 -18.05 -22.17
N ALA A 35 2.56 -18.76 -23.29
CA ALA A 35 1.65 -19.86 -23.62
C ALA A 35 1.36 -20.82 -22.47
N ASP A 36 0.09 -21.12 -22.27
CA ASP A 36 -0.38 -22.03 -21.23
C ASP A 36 0.12 -21.73 -19.82
N GLU A 37 0.37 -20.45 -19.55
CA GLU A 37 0.85 -20.07 -18.23
C GLU A 37 0.29 -18.70 -17.89
N TYR A 38 0.51 -18.28 -16.65
CA TYR A 38 0.12 -16.94 -16.23
C TYR A 38 1.41 -16.37 -15.70
N THR A 39 1.60 -15.07 -15.88
CA THR A 39 2.78 -14.42 -15.35
C THR A 39 2.26 -13.65 -14.15
N MSE A 40 3.13 -13.38 -13.19
CA MSE A 40 2.70 -12.66 -12.01
C MSE A 40 3.84 -11.83 -11.45
O MSE A 40 4.89 -12.36 -11.07
CB MSE A 40 2.19 -13.64 -10.95
CG MSE A 40 1.52 -12.95 -9.76
SE MSE A 40 0.68 -14.19 -8.54
CE MSE A 40 -0.98 -14.47 -9.52
N VAL A 41 3.62 -10.52 -11.41
CA VAL A 41 4.60 -9.59 -10.90
C VAL A 41 3.97 -8.86 -9.71
N TYR A 42 4.64 -8.93 -8.57
CA TYR A 42 4.16 -8.30 -7.34
C TYR A 42 4.98 -7.02 -7.08
N SER A 43 4.29 -5.89 -7.01
CA SER A 43 4.96 -4.61 -6.76
C SER A 43 4.63 -4.12 -5.35
N HIS A 44 5.66 -3.78 -4.58
CA HIS A 44 5.44 -3.29 -3.23
C HIS A 44 4.89 -1.87 -3.23
N ILE A 45 4.70 -1.32 -4.42
CA ILE A 45 4.11 0.00 -4.54
C ILE A 45 2.60 -0.28 -4.55
N ASP A 46 1.97 -0.16 -3.38
CA ASP A 46 0.55 -0.42 -3.22
C ASP A 46 0.17 -1.90 -3.32
N ARG A 47 1.19 -2.75 -3.36
CA ARG A 47 0.99 -4.19 -3.43
C ARG A 47 0.10 -4.65 -4.58
N ILE A 48 0.22 -3.98 -5.71
CA ILE A 48 -0.56 -4.36 -6.87
C ILE A 48 0.14 -5.53 -7.54
N ILE A 49 -0.64 -6.46 -8.08
CA ILE A 49 -0.09 -7.62 -8.77
C ILE A 49 -0.53 -7.51 -10.22
N VAL A 50 0.41 -7.65 -11.14
CA VAL A 50 0.10 -7.54 -12.56
C VAL A 50 0.60 -8.74 -13.35
N GLY A 51 -0.10 -9.07 -14.42
CA GLY A 51 0.33 -10.20 -15.22
C GLY A 51 -0.56 -10.46 -16.42
N GLY A 52 -0.28 -11.56 -17.10
CA GLY A 52 -1.05 -11.95 -18.27
C GLY A 52 -1.29 -13.44 -18.24
N ILE A 53 -2.38 -13.87 -18.86
CA ILE A 53 -2.73 -15.28 -18.93
C ILE A 53 -3.14 -15.61 -20.35
N MSE A 54 -2.46 -16.57 -20.96
CA MSE A 54 -2.77 -16.96 -22.34
C MSE A 54 -2.97 -18.46 -22.46
O MSE A 54 -2.03 -19.20 -22.76
CB MSE A 54 -1.64 -16.49 -23.26
CG MSE A 54 -1.85 -16.78 -24.74
SE MSE A 54 -0.56 -15.87 -25.86
CE MSE A 54 1.05 -16.81 -25.32
N PRO A 55 -4.20 -18.94 -22.21
CA PRO A 55 -4.56 -20.36 -22.29
C PRO A 55 -4.56 -20.82 -23.74
N ILE A 56 -3.90 -21.93 -24.02
CA ILE A 56 -3.87 -22.46 -25.38
C ILE A 56 -4.32 -23.92 -25.41
N THR A 57 -3.50 -24.84 -24.89
CA THR A 57 -3.88 -26.25 -24.90
C THR A 57 -4.55 -26.65 -23.58
N LYS A 58 -4.46 -25.77 -22.58
CA LYS A 58 -5.04 -26.05 -21.28
C LYS A 58 -5.56 -24.78 -20.64
N THR A 59 -6.38 -24.93 -19.61
CA THR A 59 -6.90 -23.76 -18.91
C THR A 59 -5.82 -23.36 -17.90
N VAL A 60 -5.92 -22.13 -17.42
CA VAL A 60 -4.98 -21.62 -16.45
C VAL A 60 -5.82 -21.12 -15.29
N SER A 61 -5.51 -21.56 -14.08
CA SER A 61 -6.30 -21.11 -12.95
C SER A 61 -5.45 -20.56 -11.81
N VAL A 62 -6.07 -19.69 -11.03
CA VAL A 62 -5.42 -19.10 -9.87
C VAL A 62 -6.40 -19.31 -8.72
N GLY A 63 -5.87 -19.65 -7.56
CA GLY A 63 -6.75 -19.89 -6.42
C GLY A 63 -6.00 -20.26 -5.16
N GLY A 64 -6.14 -21.51 -4.74
CA GLY A 64 -5.49 -21.97 -3.52
C GLY A 64 -3.98 -21.83 -3.41
N GLU A 65 -3.24 -22.37 -4.38
CA GLU A 65 -1.79 -22.30 -4.35
C GLU A 65 -1.27 -20.88 -4.28
N VAL A 66 -1.74 -20.02 -5.18
CA VAL A 66 -1.30 -18.64 -5.19
C VAL A 66 -1.65 -17.97 -3.87
N GLY A 67 -2.82 -18.31 -3.33
CA GLY A 67 -3.23 -17.75 -2.06
C GLY A 67 -2.22 -18.08 -0.98
N LYS A 68 -1.80 -19.34 -0.93
CA LYS A 68 -0.81 -19.77 0.06
C LYS A 68 0.46 -18.94 -0.07
N GLN A 69 0.83 -18.61 -1.30
CA GLN A 69 2.02 -17.81 -1.54
C GLN A 69 1.83 -16.42 -0.94
N LEU A 70 0.57 -15.99 -0.82
CA LEU A 70 0.26 -14.68 -0.26
C LEU A 70 -0.09 -14.78 1.23
N GLY A 71 0.11 -15.95 1.81
CA GLY A 71 -0.19 -16.13 3.23
C GLY A 71 -1.64 -16.35 3.59
N VAL A 72 -2.50 -16.47 2.58
CA VAL A 72 -3.93 -16.69 2.82
C VAL A 72 -4.40 -18.02 2.22
N SER A 73 -5.70 -18.27 2.25
CA SER A 73 -6.24 -19.52 1.73
C SER A 73 -6.41 -19.57 0.22
N TYR A 74 -6.75 -18.44 -0.38
CA TYR A 74 -6.90 -18.36 -1.83
C TYR A 74 -6.57 -16.96 -2.33
N PHE A 75 -6.14 -16.90 -3.59
CA PHE A 75 -5.74 -15.65 -4.24
C PHE A 75 -6.55 -14.40 -3.92
N LEU A 76 -7.86 -14.46 -4.11
CA LEU A 76 -8.71 -13.30 -3.87
C LEU A 76 -9.40 -13.25 -2.52
N GLU A 77 -8.85 -13.91 -1.51
CA GLU A 77 -9.46 -13.90 -0.19
C GLU A 77 -9.53 -12.47 0.34
N ARG A 78 -8.51 -11.66 0.03
CA ARG A 78 -8.46 -10.27 0.48
C ARG A 78 -8.01 -9.38 -0.67
N ARG A 79 -8.41 -9.74 -1.88
CA ARG A 79 -8.04 -8.99 -3.08
C ARG A 79 -9.15 -8.93 -4.11
N GLU A 80 -9.06 -7.95 -5.01
CA GLU A 80 -10.04 -7.81 -6.09
C GLU A 80 -9.25 -7.91 -7.40
N LEU A 81 -9.89 -8.42 -8.44
CA LEU A 81 -9.23 -8.62 -9.72
C LEU A 81 -9.91 -7.95 -10.91
N GLY A 82 -9.10 -7.29 -11.74
CA GLY A 82 -9.62 -6.64 -12.93
C GLY A 82 -8.95 -7.28 -14.13
N VAL A 83 -9.75 -7.80 -15.07
CA VAL A 83 -9.20 -8.46 -16.24
C VAL A 83 -9.74 -7.92 -17.55
N ILE A 84 -8.85 -7.71 -18.51
CA ILE A 84 -9.26 -7.23 -19.83
C ILE A 84 -8.65 -8.15 -20.88
N ASN A 85 -9.50 -8.67 -21.77
CA ASN A 85 -9.04 -9.57 -22.82
C ASN A 85 -8.67 -8.82 -24.09
N ILE A 86 -7.40 -8.86 -24.47
CA ILE A 86 -6.95 -8.19 -25.69
C ILE A 86 -6.71 -9.18 -26.83
N GLY A 87 -7.04 -10.45 -26.59
CA GLY A 87 -6.85 -11.46 -27.61
C GLY A 87 -8.15 -12.02 -28.13
N GLY A 88 -8.15 -13.30 -28.49
CA GLY A 88 -9.35 -13.93 -29.00
C GLY A 88 -10.35 -14.27 -27.90
N ALA A 89 -11.57 -14.60 -28.30
CA ALA A 89 -12.63 -14.94 -27.36
C ALA A 89 -12.21 -16.01 -26.36
N GLY A 90 -12.66 -15.86 -25.13
CA GLY A 90 -12.34 -16.84 -24.11
C GLY A 90 -13.42 -16.88 -23.05
N THR A 91 -13.16 -17.58 -21.96
CA THR A 91 -14.12 -17.68 -20.87
C THR A 91 -13.37 -17.58 -19.56
N ILE A 92 -14.01 -17.01 -18.55
CA ILE A 92 -13.42 -16.91 -17.23
C ILE A 92 -14.48 -17.48 -16.30
N THR A 93 -14.14 -18.55 -15.60
CA THR A 93 -15.06 -19.21 -14.72
C THR A 93 -14.69 -18.94 -13.26
N VAL A 94 -15.61 -18.28 -12.55
CA VAL A 94 -15.40 -17.92 -11.16
C VAL A 94 -16.25 -18.83 -10.26
N ASP A 95 -15.57 -19.66 -9.48
CA ASP A 95 -16.24 -20.61 -8.60
C ASP A 95 -17.41 -21.32 -9.30
N GLY A 96 -17.16 -21.79 -10.52
CA GLY A 96 -18.20 -22.52 -11.24
C GLY A 96 -19.06 -21.71 -12.19
N GLN A 97 -19.10 -20.39 -12.01
CA GLN A 97 -19.91 -19.53 -12.89
C GLN A 97 -19.07 -19.09 -14.09
N CYS A 98 -19.44 -19.58 -15.27
CA CYS A 98 -18.72 -19.27 -16.49
C CYS A 98 -19.16 -17.96 -17.14
N TYR A 99 -18.17 -17.12 -17.46
CA TYR A 99 -18.43 -15.84 -18.12
C TYR A 99 -17.76 -15.88 -19.49
N GLU A 100 -18.50 -15.50 -20.52
CA GLU A 100 -17.95 -15.46 -21.87
C GLU A 100 -17.29 -14.10 -22.01
N ILE A 101 -15.98 -14.10 -22.23
CA ILE A 101 -15.20 -12.88 -22.35
C ILE A 101 -14.58 -12.78 -23.74
N GLY A 102 -15.23 -12.06 -24.64
CA GLY A 102 -14.73 -11.93 -25.98
C GLY A 102 -13.65 -10.88 -26.10
N HIS A 103 -13.23 -10.60 -27.33
CA HIS A 103 -12.20 -9.59 -27.58
C HIS A 103 -12.65 -8.27 -26.98
N ARG A 104 -11.80 -7.71 -26.13
CA ARG A 104 -12.07 -6.45 -25.46
C ARG A 104 -13.20 -6.47 -24.42
N ASP A 105 -13.61 -7.66 -24.03
CA ASP A 105 -14.61 -7.76 -22.97
C ASP A 105 -13.74 -7.76 -21.71
N ALA A 106 -14.32 -7.45 -20.57
CA ALA A 106 -13.56 -7.42 -19.33
C ALA A 106 -14.35 -8.03 -18.18
N LEU A 107 -13.65 -8.37 -17.11
CA LEU A 107 -14.30 -8.96 -15.95
C LEU A 107 -13.65 -8.51 -14.66
N TYR A 108 -14.48 -8.02 -13.75
CA TYR A 108 -14.01 -7.59 -12.43
C TYR A 108 -14.46 -8.71 -11.49
N VAL A 109 -13.51 -9.26 -10.74
CA VAL A 109 -13.83 -10.32 -9.79
C VAL A 109 -13.60 -9.79 -8.38
N GLY A 110 -14.66 -9.80 -7.57
CA GLY A 110 -14.56 -9.28 -6.22
C GLY A 110 -13.93 -10.20 -5.18
N LYS A 111 -13.60 -9.60 -4.04
CA LYS A 111 -13.01 -10.32 -2.92
C LYS A 111 -13.91 -11.48 -2.51
N GLY A 112 -13.32 -12.63 -2.22
CA GLY A 112 -14.14 -13.76 -1.81
C GLY A 112 -14.20 -14.89 -2.82
N ALA A 113 -13.91 -14.60 -4.09
CA ALA A 113 -13.92 -15.64 -5.12
C ALA A 113 -12.77 -16.58 -4.80
N LYS A 114 -13.06 -17.88 -4.73
CA LYS A 114 -12.03 -18.86 -4.39
C LYS A 114 -11.15 -19.35 -5.53
N GLU A 115 -11.73 -19.58 -6.70
CA GLU A 115 -10.94 -20.03 -7.83
C GLU A 115 -11.42 -19.40 -9.13
N VAL A 116 -10.47 -18.95 -9.94
CA VAL A 116 -10.77 -18.31 -11.22
C VAL A 116 -10.03 -19.09 -12.31
N VAL A 117 -10.79 -19.61 -13.27
CA VAL A 117 -10.21 -20.40 -14.37
C VAL A 117 -10.33 -19.68 -15.71
N PHE A 118 -9.20 -19.52 -16.37
CA PHE A 118 -9.14 -18.85 -17.68
C PHE A 118 -8.99 -19.85 -18.81
N ALA A 119 -9.73 -19.63 -19.89
CA ALA A 119 -9.68 -20.53 -21.04
C ALA A 119 -9.87 -19.79 -22.37
N SER A 120 -9.35 -20.38 -23.44
CA SER A 120 -9.49 -19.81 -24.78
C SER A 120 -10.46 -20.67 -25.60
N ILE A 121 -11.25 -20.03 -26.45
CA ILE A 121 -12.20 -20.75 -27.28
C ILE A 121 -11.48 -21.37 -28.48
N ASP A 122 -10.62 -20.59 -29.11
CA ASP A 122 -9.86 -21.08 -30.26
C ASP A 122 -8.36 -21.02 -30.00
N THR A 123 -7.71 -22.18 -30.10
CA THR A 123 -6.27 -22.27 -29.86
C THR A 123 -5.48 -21.49 -30.90
N GLY A 124 -6.09 -21.28 -32.08
CA GLY A 124 -5.42 -20.55 -33.13
C GLY A 124 -5.29 -19.07 -32.82
N THR A 125 -6.29 -18.54 -32.12
CA THR A 125 -6.31 -17.13 -31.72
C THR A 125 -6.70 -17.10 -30.25
N PRO A 126 -5.77 -17.49 -29.38
CA PRO A 126 -5.99 -17.54 -27.94
C PRO A 126 -6.34 -16.22 -27.27
N ALA A 127 -7.00 -16.34 -26.13
CA ALA A 127 -7.38 -15.17 -25.35
C ALA A 127 -6.09 -14.69 -24.69
N LYS A 128 -5.99 -13.39 -24.51
CA LYS A 128 -4.82 -12.79 -23.88
C LYS A 128 -5.40 -11.94 -22.75
N PHE A 129 -5.53 -12.55 -21.58
CA PHE A 129 -6.11 -11.87 -20.42
C PHE A 129 -5.09 -11.08 -19.62
N TYR A 130 -5.15 -9.75 -19.72
CA TYR A 130 -4.25 -8.89 -18.97
C TYR A 130 -4.97 -8.57 -17.66
N TYR A 131 -4.27 -8.68 -16.53
CA TYR A 131 -4.91 -8.40 -15.25
C TYR A 131 -4.09 -7.55 -14.29
N ASN A 132 -4.80 -6.90 -13.39
CA ASN A 132 -4.23 -6.09 -12.31
C ASN A 132 -5.02 -6.57 -11.10
N CYS A 133 -4.33 -6.77 -9.99
CA CYS A 133 -4.96 -7.26 -8.78
C CYS A 133 -4.54 -6.41 -7.59
N ALA A 134 -5.52 -5.99 -6.78
CA ALA A 134 -5.22 -5.15 -5.63
C ALA A 134 -5.89 -5.57 -4.33
N PRO A 135 -5.26 -5.25 -3.19
CA PRO A 135 -5.85 -5.60 -1.89
C PRO A 135 -7.25 -5.02 -1.83
N ALA A 136 -8.18 -5.74 -1.21
CA ALA A 136 -9.56 -5.29 -1.12
C ALA A 136 -10.16 -5.71 0.23
N HIS A 137 -10.76 -4.76 0.94
CA HIS A 137 -11.35 -5.05 2.25
C HIS A 137 -12.84 -5.36 2.18
N THR A 138 -13.48 -5.01 1.09
CA THR A 138 -14.90 -5.28 0.96
C THR A 138 -15.22 -5.98 -0.36
N THR A 139 -16.28 -6.78 -0.34
CA THR A 139 -16.70 -7.52 -1.52
C THR A 139 -17.73 -6.76 -2.36
N TYR A 140 -17.40 -6.55 -3.62
CA TYR A 140 -18.29 -5.89 -4.56
C TYR A 140 -18.58 -6.97 -5.60
N PRO A 141 -19.76 -6.93 -6.22
CA PRO A 141 -20.17 -7.91 -7.22
C PRO A 141 -19.24 -8.13 -8.41
N THR A 142 -19.06 -9.40 -8.77
CA THR A 142 -18.26 -9.77 -9.92
C THR A 142 -19.07 -9.25 -11.10
N LYS A 143 -18.43 -8.55 -12.02
CA LYS A 143 -19.16 -8.00 -13.15
C LYS A 143 -18.42 -8.00 -14.48
N LYS A 144 -19.13 -8.42 -15.52
CA LYS A 144 -18.57 -8.45 -16.87
C LYS A 144 -18.85 -7.08 -17.47
N VAL A 145 -17.84 -6.49 -18.10
CA VAL A 145 -17.98 -5.18 -18.72
C VAL A 145 -17.62 -5.26 -20.19
N THR A 146 -18.56 -4.90 -21.06
CA THR A 146 -18.34 -4.94 -22.50
C THR A 146 -18.07 -3.53 -23.03
N PRO A 147 -17.47 -3.44 -24.23
CA PRO A 147 -17.16 -2.14 -24.83
C PRO A 147 -18.38 -1.23 -24.96
N ASP A 148 -19.57 -1.81 -24.87
CA ASP A 148 -20.81 -1.03 -24.96
C ASP A 148 -21.00 -0.20 -23.69
N GLU A 149 -21.07 -0.90 -22.55
CA GLU A 149 -21.26 -0.27 -21.25
C GLU A 149 -20.20 0.76 -20.91
N VAL A 150 -19.15 0.82 -21.72
CA VAL A 150 -18.05 1.74 -21.46
C VAL A 150 -18.28 3.18 -21.97
N SER A 151 -18.99 3.32 -23.08
CA SER A 151 -19.23 4.63 -23.66
C SER A 151 -17.90 5.33 -23.91
N PRO A 152 -17.23 4.97 -25.02
CA PRO A 152 -15.94 5.52 -25.42
C PRO A 152 -15.98 7.01 -25.77
N VAL A 153 -14.83 7.66 -25.66
CA VAL A 153 -14.72 9.08 -25.97
C VAL A 153 -13.47 9.30 -26.82
N THR A 154 -13.63 10.00 -27.94
CA THR A 154 -12.50 10.28 -28.81
C THR A 154 -12.07 11.72 -28.60
N LEU A 155 -10.79 11.89 -28.25
CA LEU A 155 -10.23 13.22 -28.00
C LEU A 155 -8.92 13.38 -28.75
N GLY A 156 -8.30 14.55 -28.61
CA GLY A 156 -7.03 14.81 -29.26
C GLY A 156 -7.14 15.38 -30.65
N ASP A 157 -6.00 15.52 -31.31
CA ASP A 157 -5.92 16.06 -32.65
C ASP A 157 -4.63 15.58 -33.30
N ASN A 158 -4.66 15.37 -34.62
CA ASN A 158 -3.48 14.91 -35.35
C ASN A 158 -2.28 15.83 -35.12
N LEU A 159 -2.53 17.15 -35.09
CA LEU A 159 -1.46 18.12 -34.91
C LEU A 159 -0.68 17.92 -33.63
N THR A 160 -1.34 17.44 -32.58
CA THR A 160 -0.68 17.19 -31.31
C THR A 160 -0.43 15.70 -31.16
N SER A 161 -0.60 14.98 -32.27
CA SER A 161 -0.37 13.54 -32.34
C SER A 161 -0.94 12.81 -31.14
N ASN A 162 -2.17 13.15 -30.74
CA ASN A 162 -2.79 12.48 -29.62
C ASN A 162 -4.25 12.14 -29.87
N ARG A 163 -4.63 12.05 -31.14
CA ARG A 163 -6.01 11.71 -31.50
C ARG A 163 -6.16 10.29 -30.97
N ARG A 164 -7.15 10.06 -30.11
CA ARG A 164 -7.30 8.75 -29.51
C ARG A 164 -8.70 8.48 -28.99
N THR A 165 -8.97 7.22 -28.70
CA THR A 165 -10.27 6.83 -28.15
C THR A 165 -10.02 6.24 -26.76
N ILE A 166 -10.69 6.82 -25.77
CA ILE A 166 -10.57 6.39 -24.38
C ILE A 166 -11.74 5.51 -23.96
N ASN A 167 -11.42 4.35 -23.40
CA ASN A 167 -12.43 3.39 -22.96
C ASN A 167 -12.19 3.03 -21.50
N LYS A 168 -12.98 3.59 -20.59
CA LYS A 168 -12.81 3.32 -19.17
C LYS A 168 -13.71 2.18 -18.71
N TYR A 169 -13.09 1.02 -18.46
CA TYR A 169 -13.80 -0.19 -18.04
C TYR A 169 -14.19 -0.25 -16.57
N PHE A 170 -13.21 -0.13 -15.69
CA PHE A 170 -13.48 -0.19 -14.26
C PHE A 170 -13.29 1.18 -13.63
N VAL A 171 -14.40 1.91 -13.50
CA VAL A 171 -14.43 3.24 -12.90
C VAL A 171 -15.78 3.39 -12.20
N PRO A 172 -15.90 4.34 -11.27
CA PRO A 172 -17.13 4.58 -10.52
C PRO A 172 -18.40 4.65 -11.37
N ASP A 173 -18.31 5.22 -12.55
CA ASP A 173 -19.48 5.34 -13.41
C ASP A 173 -19.95 4.01 -13.99
N VAL A 174 -19.09 2.99 -13.92
CA VAL A 174 -19.45 1.68 -14.44
C VAL A 174 -19.77 0.68 -13.33
N LEU A 175 -18.92 0.64 -12.30
CA LEU A 175 -19.16 -0.28 -11.20
C LEU A 175 -18.36 0.13 -9.97
N GLU A 176 -18.65 -0.51 -8.84
CA GLU A 176 -17.95 -0.21 -7.60
C GLU A 176 -16.77 -1.16 -7.39
N THR A 177 -15.63 -0.61 -7.02
CA THR A 177 -14.43 -1.41 -6.73
C THR A 177 -13.85 -0.79 -5.47
N CYS A 178 -12.94 -1.50 -4.80
CA CYS A 178 -12.36 -0.96 -3.57
C CYS A 178 -11.34 0.15 -3.87
N GLN A 179 -10.41 -0.11 -4.78
CA GLN A 179 -9.40 0.89 -5.12
C GLN A 179 -8.89 0.79 -6.54
N LEU A 180 -9.25 -0.27 -7.23
CA LEU A 180 -8.77 -0.47 -8.60
C LEU A 180 -9.61 0.17 -9.71
N SER A 181 -8.92 0.81 -10.65
CA SER A 181 -9.55 1.42 -11.82
C SER A 181 -8.70 1.00 -13.01
N MSE A 182 -9.34 0.72 -14.15
CA MSE A 182 -8.62 0.31 -15.35
C MSE A 182 -9.32 0.83 -16.59
O MSE A 182 -10.53 0.99 -16.61
CB MSE A 182 -8.52 -1.22 -15.45
CG MSE A 182 -7.69 -1.91 -14.37
SE MSE A 182 -7.64 -3.84 -14.64
CE MSE A 182 -6.36 -3.92 -16.09
N GLY A 183 -8.53 1.06 -17.64
CA GLY A 183 -9.10 1.53 -18.88
C GLY A 183 -8.19 1.19 -20.04
N LEU A 184 -8.71 1.30 -21.26
CA LEU A 184 -7.96 1.01 -22.46
C LEU A 184 -8.06 2.22 -23.39
N THR A 185 -6.90 2.69 -23.85
CA THR A 185 -6.83 3.84 -24.75
C THR A 185 -6.12 3.46 -26.04
N GLU A 186 -6.79 3.70 -27.17
CA GLU A 186 -6.25 3.36 -28.47
C GLU A 186 -5.92 4.60 -29.29
N LEU A 187 -4.65 4.76 -29.63
CA LEU A 187 -4.23 5.91 -30.43
C LEU A 187 -4.63 5.66 -31.88
N ALA A 188 -5.08 6.71 -32.56
CA ALA A 188 -5.45 6.57 -33.97
C ALA A 188 -4.18 6.40 -34.80
N PRO A 189 -4.28 5.79 -35.98
CA PRO A 189 -3.10 5.60 -36.82
C PRO A 189 -2.36 6.93 -37.01
N GLY A 190 -1.04 6.90 -36.86
CA GLY A 190 -0.26 8.10 -37.03
C GLY A 190 -0.15 8.99 -35.81
N ASN A 191 -0.83 8.61 -34.73
CA ASN A 191 -0.80 9.37 -33.49
C ASN A 191 0.06 8.61 -32.47
N LEU A 192 0.93 9.33 -31.77
CA LEU A 192 1.98 8.71 -30.90
C LEU A 192 1.91 9.00 -29.37
N TRP A 193 1.38 10.15 -28.96
CA TRP A 193 1.43 10.55 -27.55
C TRP A 193 0.29 10.16 -26.63
N ASN A 194 0.65 9.67 -25.44
CA ASN A 194 -0.34 9.34 -24.41
C ASN A 194 0.03 10.09 -23.13
N THR A 195 -1.00 10.47 -22.38
CA THR A 195 -0.85 11.18 -21.11
C THR A 195 -0.01 12.44 -21.23
N MSE A 196 -0.45 13.35 -22.09
CA MSE A 196 0.24 14.61 -22.33
C MSE A 196 -0.78 15.74 -22.42
O MSE A 196 -1.70 15.68 -23.25
CB MSE A 196 1.05 14.53 -23.61
CG MSE A 196 2.32 13.73 -23.48
SE MSE A 196 3.56 14.56 -22.25
CE MSE A 196 3.89 16.17 -23.26
N PRO A 197 -0.64 16.78 -21.58
CA PRO A 197 0.41 16.91 -20.57
C PRO A 197 0.40 15.80 -19.52
N CYS A 198 1.55 15.56 -18.90
CA CYS A 198 1.67 14.52 -17.89
C CYS A 198 1.23 14.99 -16.52
N HIS A 199 1.37 14.11 -15.53
CA HIS A 199 0.97 14.44 -14.18
C HIS A 199 1.56 13.45 -13.18
N THR A 200 1.41 13.78 -11.91
CA THR A 200 1.86 12.91 -10.82
C THR A 200 0.75 12.97 -9.77
N HIS A 201 0.69 11.95 -8.93
CA HIS A 201 -0.31 11.89 -7.88
C HIS A 201 0.26 11.11 -6.70
N GLU A 202 0.53 11.82 -5.61
CA GLU A 202 1.09 11.23 -4.41
C GLU A 202 0.25 10.11 -3.81
N ARG A 203 -1.06 10.21 -3.95
CA ARG A 203 -1.94 9.23 -3.34
C ARG A 203 -2.40 8.04 -4.17
N ARG A 204 -1.91 7.93 -5.40
CA ARG A 204 -2.26 6.81 -6.27
C ARG A 204 -1.05 6.46 -7.14
N MSE A 205 -1.07 5.26 -7.72
CA MSE A 205 0.01 4.81 -8.59
C MSE A 205 -0.62 4.15 -9.80
O MSE A 205 -1.73 3.62 -9.72
CB MSE A 205 0.91 3.81 -7.86
CG MSE A 205 0.28 2.43 -7.55
SE MSE A 205 0.34 1.19 -9.04
CE MSE A 205 2.22 0.76 -8.95
N GLU A 206 0.09 4.17 -10.93
CA GLU A 206 -0.44 3.53 -12.14
C GLU A 206 0.55 2.56 -12.76
N VAL A 207 0.00 1.61 -13.52
CA VAL A 207 0.78 0.64 -14.25
C VAL A 207 0.24 0.70 -15.68
N TYR A 208 1.15 0.87 -16.64
CA TYR A 208 0.77 0.95 -18.05
C TYR A 208 1.20 -0.33 -18.76
N PHE A 209 0.37 -0.80 -19.68
CA PHE A 209 0.64 -2.01 -20.46
C PHE A 209 0.44 -1.65 -21.93
N TYR A 210 1.50 -1.76 -22.73
CA TYR A 210 1.46 -1.42 -24.14
C TYR A 210 1.30 -2.63 -25.04
N PHE A 211 0.44 -2.52 -26.05
CA PHE A 211 0.22 -3.63 -26.97
C PHE A 211 -0.31 -3.21 -28.34
N ASN A 212 -0.61 -4.20 -29.18
CA ASN A 212 -1.08 -3.96 -30.54
C ASN A 212 -0.04 -3.14 -31.29
N MSE A 213 1.23 -3.45 -31.06
CA MSE A 213 2.33 -2.74 -31.71
C MSE A 213 3.04 -3.62 -32.72
O MSE A 213 3.23 -4.81 -32.48
CB MSE A 213 3.34 -2.27 -30.67
CG MSE A 213 2.79 -1.33 -29.63
SE MSE A 213 3.95 -1.23 -28.12
CE MSE A 213 5.63 -0.95 -29.05
N ASP A 214 3.46 -3.03 -33.83
CA ASP A 214 4.18 -3.76 -34.85
C ASP A 214 5.51 -4.23 -34.28
N ASP A 215 6.02 -5.33 -34.82
CA ASP A 215 7.27 -5.91 -34.36
C ASP A 215 8.47 -4.96 -34.50
N ASP A 216 8.38 -4.00 -35.41
CA ASP A 216 9.49 -3.07 -35.63
C ASP A 216 9.27 -1.72 -34.96
N ALA A 217 8.26 -1.65 -34.09
CA ALA A 217 7.96 -0.40 -33.40
C ALA A 217 8.28 -0.48 -31.91
N CYS A 218 8.25 0.67 -31.25
CA CYS A 218 8.51 0.70 -29.82
C CYS A 218 7.85 1.93 -29.25
N VAL A 219 7.88 2.03 -27.94
CA VAL A 219 7.32 3.18 -27.24
C VAL A 219 8.36 3.69 -26.27
N PHE A 220 8.63 4.99 -26.31
CA PHE A 220 9.57 5.60 -25.39
C PHE A 220 8.70 6.04 -24.22
N HIS A 221 8.66 5.24 -23.16
CA HIS A 221 7.86 5.55 -21.99
C HIS A 221 8.61 6.47 -21.04
N MSE A 222 8.07 7.68 -20.87
CA MSE A 222 8.65 8.70 -20.01
C MSE A 222 8.22 8.50 -18.55
O MSE A 222 7.04 8.34 -18.27
CB MSE A 222 8.20 10.09 -20.47
CG MSE A 222 8.50 10.41 -21.94
SE MSE A 222 10.40 10.37 -22.30
CE MSE A 222 10.39 9.78 -24.14
N MSE A 223 9.19 8.54 -17.65
CA MSE A 223 8.92 8.37 -16.23
C MSE A 223 9.83 9.30 -15.43
O MSE A 223 10.60 10.06 -16.01
CB MSE A 223 9.19 6.93 -15.80
CG MSE A 223 10.65 6.51 -15.93
SE MSE A 223 11.12 4.97 -14.86
CE MSE A 223 11.02 5.80 -13.10
N GLY A 224 9.72 9.23 -14.11
CA GLY A 224 10.54 10.05 -13.23
C GLY A 224 9.89 11.33 -12.80
N GLN A 225 10.54 12.06 -11.90
CA GLN A 225 9.98 13.34 -11.45
C GLN A 225 10.03 14.25 -12.68
N PRO A 226 9.07 15.18 -12.79
CA PRO A 226 8.97 16.13 -13.91
C PRO A 226 10.28 16.78 -14.34
N GLN A 227 11.11 17.16 -13.37
CA GLN A 227 12.38 17.82 -13.68
C GLN A 227 13.56 16.85 -13.75
N GLU A 228 13.28 15.56 -13.60
CA GLU A 228 14.33 14.55 -13.64
C GLU A 228 13.79 13.33 -14.39
N THR A 229 13.30 13.56 -15.61
CA THR A 229 12.72 12.47 -16.39
C THR A 229 13.73 11.49 -16.96
N ARG A 230 13.26 10.26 -17.14
CA ARG A 230 14.04 9.16 -17.69
C ARG A 230 13.10 8.44 -18.61
N HIS A 231 13.60 7.47 -19.36
CA HIS A 231 12.70 6.73 -20.23
C HIS A 231 13.08 5.26 -20.32
N ILE A 232 12.09 4.44 -20.66
CA ILE A 232 12.28 3.01 -20.82
C ILE A 232 11.73 2.71 -22.20
N VAL A 233 12.54 2.08 -23.04
CA VAL A 233 12.12 1.75 -24.40
C VAL A 233 11.43 0.41 -24.34
N MSE A 234 10.16 0.38 -24.73
CA MSE A 234 9.39 -0.84 -24.66
C MSE A 234 8.82 -1.35 -25.97
O MSE A 234 8.61 -0.58 -26.90
CB MSE A 234 8.26 -0.63 -23.66
CG MSE A 234 8.77 -0.25 -22.27
SE MSE A 234 7.41 0.52 -21.22
CE MSE A 234 6.25 -1.03 -21.06
N HIS A 235 8.58 -2.65 -26.02
CA HIS A 235 8.02 -3.23 -27.23
C HIS A 235 6.67 -3.88 -26.93
N ASN A 236 6.05 -4.42 -27.95
CA ASN A 236 4.73 -5.03 -27.84
C ASN A 236 4.51 -5.92 -26.62
N GLU A 237 3.39 -5.69 -25.95
CA GLU A 237 2.97 -6.45 -24.78
C GLU A 237 3.94 -6.47 -23.59
N GLN A 238 4.30 -5.29 -23.13
CA GLN A 238 5.18 -5.14 -21.98
C GLN A 238 4.53 -4.10 -21.06
N ALA A 239 4.72 -4.24 -19.76
CA ALA A 239 4.13 -3.31 -18.81
C ALA A 239 5.19 -2.56 -18.02
N VAL A 240 4.80 -1.40 -17.48
CA VAL A 240 5.72 -0.59 -16.71
C VAL A 240 5.03 -0.06 -15.45
N ILE A 241 5.75 -0.16 -14.34
CA ILE A 241 5.28 0.25 -13.01
C ILE A 241 5.72 1.69 -12.72
N SER A 242 4.77 2.52 -12.27
CA SER A 242 5.09 3.91 -11.97
C SER A 242 4.90 4.31 -10.51
N PRO A 243 5.99 4.70 -9.83
CA PRO A 243 5.91 5.12 -8.43
C PRO A 243 5.03 6.35 -8.33
N SER A 244 4.50 6.65 -7.16
CA SER A 244 3.63 7.82 -6.99
C SER A 244 4.31 9.16 -7.30
N TRP A 245 5.63 9.22 -7.11
CA TRP A 245 6.36 10.46 -7.39
C TRP A 245 6.73 10.59 -8.87
N SER A 246 6.40 9.57 -9.65
CA SER A 246 6.74 9.55 -11.08
C SER A 246 5.64 9.86 -12.07
N ILE A 247 6.02 10.43 -13.21
CA ILE A 247 5.06 10.70 -14.26
C ILE A 247 5.00 9.39 -15.05
N HIS A 248 4.06 9.32 -16.00
CA HIS A 248 3.90 8.17 -16.85
C HIS A 248 3.27 8.64 -18.13
N SER A 249 4.10 8.83 -19.14
CA SER A 249 3.66 9.30 -20.45
C SER A 249 4.51 8.54 -21.45
N GLY A 250 4.00 8.34 -22.65
CA GLY A 250 4.78 7.61 -23.63
C GLY A 250 4.57 8.12 -25.04
N VAL A 251 5.57 7.91 -25.89
CA VAL A 251 5.48 8.32 -27.28
C VAL A 251 6.01 7.16 -28.11
N GLY A 252 5.20 6.69 -29.07
CA GLY A 252 5.64 5.58 -29.88
C GLY A 252 6.31 6.00 -31.17
N THR A 253 6.78 5.01 -31.93
CA THR A 253 7.40 5.27 -33.23
C THR A 253 6.29 5.02 -34.25
N LYS A 254 5.17 4.47 -33.76
CA LYS A 254 3.96 4.17 -34.52
C LYS A 254 2.82 4.16 -33.51
N ALA A 255 1.58 4.19 -34.00
CA ALA A 255 0.42 4.16 -33.12
C ALA A 255 0.36 2.83 -32.37
N TYR A 256 -0.27 2.83 -31.21
CA TYR A 256 -0.38 1.65 -30.40
C TYR A 256 -1.61 1.75 -29.50
N THR A 257 -1.82 0.74 -28.68
CA THR A 257 -2.93 0.73 -27.75
C THR A 257 -2.29 0.44 -26.40
N PHE A 258 -2.90 0.95 -25.32
CA PHE A 258 -2.35 0.64 -24.01
C PHE A 258 -3.46 0.59 -22.98
N ILE A 259 -3.18 -0.11 -21.90
CA ILE A 259 -4.13 -0.23 -20.80
C ILE A 259 -3.48 0.39 -19.59
N TRP A 260 -4.28 1.12 -18.81
CA TRP A 260 -3.78 1.71 -17.60
C TRP A 260 -4.54 1.09 -16.44
N GLY A 261 -3.83 0.90 -15.33
CA GLY A 261 -4.43 0.35 -14.13
C GLY A 261 -3.99 1.28 -13.03
N MSE A 262 -4.88 1.61 -12.11
CA MSE A 262 -4.55 2.53 -11.03
C MSE A 262 -5.13 2.10 -9.69
O MSE A 262 -6.27 1.64 -9.59
CB MSE A 262 -5.07 3.93 -11.42
CG MSE A 262 -4.88 5.04 -10.38
SE MSE A 262 -5.07 6.83 -11.15
CE MSE A 262 -6.77 6.61 -12.05
N VAL A 263 -4.32 2.24 -8.64
CA VAL A 263 -4.73 1.91 -7.28
C VAL A 263 -4.20 3.00 -6.35
N GLY A 264 -4.61 2.98 -5.09
CA GLY A 264 -4.16 4.00 -4.17
C GLY A 264 -5.13 4.16 -3.02
N GLU A 265 -5.00 5.24 -2.25
CA GLU A 265 -5.88 5.44 -1.10
C GLU A 265 -7.19 6.16 -1.42
N ASN A 266 -7.35 6.60 -2.66
CA ASN A 266 -8.59 7.25 -3.07
C ASN A 266 -8.80 7.04 -4.56
N GLN A 267 -10.01 7.33 -5.02
CA GLN A 267 -10.34 7.18 -6.43
C GLN A 267 -10.81 8.53 -6.95
N VAL A 268 -10.13 9.59 -6.50
CA VAL A 268 -10.41 10.95 -6.91
C VAL A 268 -9.39 11.23 -8.01
N PHE A 269 -9.83 11.01 -9.25
CA PHE A 269 -8.98 11.16 -10.41
C PHE A 269 -8.46 12.56 -10.70
N ASP A 270 -9.09 13.56 -10.10
CA ASP A 270 -8.67 14.95 -10.29
C ASP A 270 -7.69 15.36 -9.20
N ASP A 271 -7.43 14.45 -8.26
CA ASP A 271 -6.49 14.70 -7.16
C ASP A 271 -5.10 14.38 -7.71
N MSE A 272 -4.55 15.30 -8.49
CA MSE A 272 -3.25 15.11 -9.10
C MSE A 272 -2.57 16.44 -9.36
O MSE A 272 -3.21 17.49 -9.28
CB MSE A 272 -3.39 14.36 -10.43
CG MSE A 272 -4.40 15.02 -11.38
SE MSE A 272 -4.28 14.43 -13.22
CE MSE A 272 -4.97 12.63 -13.05
N ASP A 273 -1.29 16.39 -9.67
CA ASP A 273 -0.52 17.58 -9.98
C ASP A 273 -0.27 17.57 -11.48
N HIS A 274 -0.97 18.44 -12.20
CA HIS A 274 -0.83 18.54 -13.65
C HIS A 274 0.53 19.15 -13.99
N VAL A 275 1.17 18.65 -15.03
CA VAL A 275 2.47 19.16 -15.43
C VAL A 275 2.47 19.57 -16.90
N ALA A 276 2.61 20.87 -17.16
CA ALA A 276 2.65 21.34 -18.52
C ALA A 276 4.00 20.96 -19.11
N VAL A 277 4.00 20.38 -20.30
CA VAL A 277 5.25 19.96 -20.92
C VAL A 277 6.29 21.08 -21.02
N LYS A 278 5.83 22.31 -21.14
CA LYS A 278 6.77 23.44 -21.25
C LYS A 278 7.59 23.60 -19.97
N GLU A 279 7.06 23.09 -18.86
CA GLU A 279 7.76 23.17 -17.57
C GLU A 279 8.96 22.25 -17.58
N ILE A 280 8.84 21.15 -18.32
CA ILE A 280 9.91 20.16 -18.43
C ILE A 280 11.11 20.64 -19.24
N CYS A 281 10.84 21.48 -20.25
CA CYS A 281 11.92 22.01 -21.09
C CYS A 281 12.20 23.47 -20.79
N GLY B 1 -2.09 25.17 5.66
CA GLY B 1 -2.44 23.80 6.12
C GLY B 1 -1.44 23.26 7.12
N SER B 2 -1.89 22.33 7.97
CA SER B 2 -1.03 21.73 8.97
C SER B 2 0.13 20.99 8.29
N ALA B 3 1.32 21.09 8.86
CA ALA B 3 2.48 20.43 8.30
C ALA B 3 2.36 18.92 8.26
N MET B 4 2.71 18.34 7.11
CA MET B 4 2.66 16.89 6.92
C MET B 4 4.05 16.36 6.58
N ASP B 5 4.63 15.58 7.48
CA ASP B 5 5.95 15.00 7.27
C ASP B 5 5.79 13.73 6.41
N VAL B 6 6.17 13.82 5.14
CA VAL B 6 6.04 12.70 4.21
C VAL B 6 7.32 11.89 4.00
N ARG B 7 7.24 10.58 4.22
CA ARG B 7 8.39 9.70 4.03
C ARG B 7 8.14 8.80 2.83
N GLN B 8 9.12 8.74 1.92
CA GLN B 8 9.00 7.91 0.74
C GLN B 8 9.24 6.44 1.09
N SER B 9 8.88 5.56 0.15
CA SER B 9 9.11 4.15 0.34
C SER B 9 10.58 3.99 -0.02
N ILE B 10 11.20 2.88 0.34
CA ILE B 10 12.61 2.72 0.04
C ILE B 10 13.07 1.29 -0.24
N HIS B 11 13.97 1.18 -1.20
CA HIS B 11 14.55 -0.08 -1.68
C HIS B 11 15.67 -0.51 -0.73
N SER B 12 15.77 -1.81 -0.46
CA SER B 12 16.82 -2.31 0.44
C SER B 12 18.24 -1.95 -0.02
N ALA B 13 18.45 -1.90 -1.33
CA ALA B 13 19.77 -1.57 -1.87
C ALA B 13 20.14 -0.12 -1.58
N HIS B 14 19.12 0.73 -1.44
CA HIS B 14 19.29 2.14 -1.15
C HIS B 14 19.53 2.32 0.35
N ALA B 15 18.70 1.67 1.14
CA ALA B 15 18.80 1.74 2.59
C ALA B 15 20.16 1.31 3.14
N LYS B 16 20.78 0.31 2.52
CA LYS B 16 22.07 -0.15 3.01
C LYS B 16 23.23 0.82 2.76
N THR B 17 22.99 1.88 2.00
CA THR B 17 24.02 2.89 1.72
C THR B 17 23.87 4.12 2.60
N LEU B 18 22.79 4.20 3.37
CA LEU B 18 22.54 5.35 4.23
C LEU B 18 23.41 5.39 5.47
N ASP B 19 23.93 6.57 5.80
CA ASP B 19 24.73 6.70 7.01
C ASP B 19 23.80 6.91 8.20
N THR B 20 24.36 7.15 9.38
CA THR B 20 23.55 7.33 10.57
C THR B 20 22.43 8.36 10.42
N GLN B 21 22.77 9.56 9.96
CA GLN B 21 21.76 10.60 9.80
C GLN B 21 20.78 10.24 8.69
N GLY B 22 21.29 9.59 7.64
CA GLY B 22 20.41 9.20 6.54
C GLY B 22 19.33 8.24 7.01
N LEU B 23 19.69 7.30 7.87
CA LEU B 23 18.74 6.33 8.39
C LEU B 23 17.69 7.02 9.23
N ARG B 24 18.13 8.00 10.03
CA ARG B 24 17.22 8.74 10.89
C ARG B 24 16.25 9.57 10.05
N ASN B 25 16.76 10.25 9.03
CA ASN B 25 15.94 11.07 8.14
C ASN B 25 14.81 10.26 7.49
N GLU B 26 15.13 9.03 7.12
CA GLU B 26 14.15 8.18 6.45
C GLU B 26 13.15 7.45 7.36
N PHE B 27 13.67 6.77 8.38
CA PHE B 27 12.84 5.94 9.25
C PHE B 27 12.43 6.43 10.63
N LEU B 28 13.10 7.45 11.16
CA LEU B 28 12.80 7.93 12.50
C LEU B 28 11.86 9.13 12.60
N VAL B 29 10.92 9.03 13.55
CA VAL B 29 9.97 10.11 13.83
C VAL B 29 10.43 10.60 15.19
N GLU B 30 11.19 11.69 15.20
CA GLU B 30 11.76 12.22 16.43
C GLU B 30 10.83 12.94 17.40
N LYS B 31 9.76 13.53 16.89
CA LYS B 31 8.80 14.23 17.75
C LYS B 31 7.37 13.75 17.50
N VAL B 32 6.80 13.08 18.49
CA VAL B 32 5.46 12.55 18.36
C VAL B 32 4.42 13.36 19.14
N PHE B 33 4.75 13.74 20.36
CA PHE B 33 3.83 14.53 21.17
C PHE B 33 4.27 15.97 21.28
N VAL B 34 3.41 16.88 20.84
CA VAL B 34 3.67 18.32 20.91
C VAL B 34 2.44 18.94 21.58
N ALA B 35 2.67 19.73 22.62
CA ALA B 35 1.57 20.36 23.37
C ALA B 35 0.54 21.06 22.50
N ASP B 36 -0.74 20.78 22.79
CA ASP B 36 -1.87 21.38 22.08
C ASP B 36 -1.83 21.23 20.57
N GLU B 37 -1.16 20.18 20.08
CA GLU B 37 -1.08 19.97 18.65
C GLU B 37 -1.10 18.48 18.36
N TYR B 38 -1.20 18.15 17.07
CA TYR B 38 -1.14 16.77 16.66
C TYR B 38 0.00 16.72 15.68
N THR B 39 0.74 15.62 15.67
CA THR B 39 1.83 15.46 14.73
C THR B 39 1.29 14.48 13.71
N MSE B 40 1.83 14.52 12.50
CA MSE B 40 1.36 13.60 11.48
C MSE B 40 2.47 13.28 10.48
O MSE B 40 3.05 14.18 9.87
CB MSE B 40 0.15 14.19 10.74
CG MSE B 40 -0.54 13.24 9.77
SE MSE B 40 -2.18 13.99 9.01
CE MSE B 40 -3.37 13.62 10.50
N VAL B 41 2.76 11.99 10.36
CA VAL B 41 3.77 11.49 9.45
C VAL B 41 3.11 10.52 8.49
N TYR B 42 3.31 10.75 7.20
CA TYR B 42 2.74 9.91 6.15
C TYR B 42 3.84 9.07 5.52
N SER B 43 3.67 7.75 5.55
CA SER B 43 4.67 6.86 4.96
C SER B 43 4.11 6.18 3.72
N HIS B 44 4.84 6.28 2.61
CA HIS B 44 4.40 5.66 1.37
C HIS B 44 4.48 4.14 1.47
N ILE B 45 4.94 3.64 2.61
CA ILE B 45 4.99 2.20 2.81
C ILE B 45 3.61 1.83 3.37
N ASP B 46 2.73 1.39 2.47
CA ASP B 46 1.35 1.02 2.81
C ASP B 46 0.49 2.23 3.17
N ARG B 47 1.03 3.43 2.94
CA ARG B 47 0.30 4.66 3.19
C ARG B 47 -0.26 4.76 4.60
N ILE B 48 0.52 4.31 5.57
CA ILE B 48 0.08 4.39 6.96
C ILE B 48 0.42 5.79 7.46
N ILE B 49 -0.43 6.34 8.31
CA ILE B 49 -0.19 7.67 8.86
C ILE B 49 -0.06 7.50 10.37
N VAL B 50 0.99 8.07 10.94
CA VAL B 50 1.20 7.92 12.38
C VAL B 50 1.51 9.25 13.06
N GLY B 51 1.18 9.32 14.35
CA GLY B 51 1.45 10.54 15.09
C GLY B 51 0.94 10.50 16.50
N GLY B 52 0.96 11.66 17.16
CA GLY B 52 0.49 11.74 18.53
C GLY B 52 -0.29 13.02 18.73
N ILE B 53 -1.18 13.01 19.71
CA ILE B 53 -2.00 14.17 20.03
C ILE B 53 -1.99 14.35 21.53
N MSE B 54 -1.58 15.54 21.99
CA MSE B 54 -1.51 15.83 23.42
C MSE B 54 -2.22 17.13 23.76
O MSE B 54 -1.59 18.19 23.85
CB MSE B 54 -0.05 15.88 23.85
CG MSE B 54 0.19 16.18 25.33
SE MSE B 54 2.05 15.97 25.83
CE MSE B 54 2.80 17.51 24.92
N PRO B 55 -3.54 17.08 23.96
CA PRO B 55 -4.36 18.25 24.30
C PRO B 55 -4.05 18.72 25.72
N ILE B 56 -3.75 20.01 25.87
CA ILE B 56 -3.46 20.53 27.21
C ILE B 56 -4.41 21.67 27.57
N THR B 57 -4.32 22.78 26.85
CA THR B 57 -5.20 23.92 27.14
C THR B 57 -6.41 23.92 26.22
N LYS B 58 -6.36 23.14 25.15
CA LYS B 58 -7.47 23.09 24.21
C LYS B 58 -7.62 21.71 23.59
N THR B 59 -8.71 21.49 22.87
CA THR B 59 -8.93 20.21 22.22
C THR B 59 -8.18 20.26 20.90
N VAL B 60 -7.98 19.08 20.30
CA VAL B 60 -7.29 18.98 19.02
C VAL B 60 -8.20 18.12 18.15
N SER B 61 -8.54 18.62 16.97
CA SER B 61 -9.41 17.86 16.09
C SER B 61 -8.78 17.57 14.75
N VAL B 62 -9.28 16.51 14.11
CA VAL B 62 -8.84 16.09 12.79
C VAL B 62 -10.13 15.80 12.04
N GLY B 63 -10.24 16.32 10.81
CA GLY B 63 -11.45 16.08 10.06
C GLY B 63 -11.41 16.60 8.64
N GLY B 64 -12.16 17.67 8.38
CA GLY B 64 -12.22 18.25 7.05
C GLY B 64 -10.92 18.68 6.40
N GLU B 65 -10.18 19.56 7.08
CA GLU B 65 -8.93 20.07 6.51
C GLU B 65 -7.92 18.97 6.20
N VAL B 66 -7.76 18.02 7.11
CA VAL B 66 -6.82 16.94 6.86
C VAL B 66 -7.30 16.12 5.68
N GLY B 67 -8.61 15.95 5.56
CA GLY B 67 -9.16 15.21 4.45
C GLY B 67 -8.78 15.85 3.13
N LYS B 68 -8.90 17.18 3.07
CA LYS B 68 -8.55 17.92 1.86
C LYS B 68 -7.09 17.68 1.46
N GLN B 69 -6.22 17.54 2.46
CA GLN B 69 -4.81 17.30 2.19
C GLN B 69 -4.62 15.92 1.58
N LEU B 70 -5.58 15.04 1.81
CA LEU B 70 -5.54 13.69 1.28
C LEU B 70 -6.39 13.56 0.02
N GLY B 71 -6.88 14.70 -0.47
CA GLY B 71 -7.70 14.68 -1.68
C GLY B 71 -9.14 14.23 -1.47
N VAL B 72 -9.56 14.10 -0.21
CA VAL B 72 -10.92 13.67 0.10
C VAL B 72 -11.66 14.73 0.92
N SER B 73 -12.89 14.43 1.32
CA SER B 73 -13.68 15.39 2.09
C SER B 73 -13.32 15.48 3.57
N TYR B 74 -12.89 14.36 4.15
CA TYR B 74 -12.51 14.36 5.55
C TYR B 74 -11.54 13.22 5.83
N PHE B 75 -10.71 13.42 6.84
CA PHE B 75 -9.67 12.49 7.25
C PHE B 75 -10.01 11.00 7.10
N LEU B 76 -11.07 10.56 7.75
CA LEU B 76 -11.44 9.14 7.70
C LEU B 76 -12.46 8.73 6.64
N GLU B 77 -12.58 9.50 5.57
CA GLU B 77 -13.53 9.15 4.51
C GLU B 77 -13.21 7.77 3.94
N ARG B 78 -11.93 7.47 3.81
CA ARG B 78 -11.49 6.19 3.27
C ARG B 78 -10.37 5.59 4.12
N ARG B 79 -10.42 5.86 5.43
CA ARG B 79 -9.40 5.37 6.36
C ARG B 79 -9.98 4.94 7.70
N GLU B 80 -9.21 4.13 8.43
CA GLU B 80 -9.60 3.66 9.76
C GLU B 80 -8.52 4.17 10.73
N LEU B 81 -8.91 4.44 11.97
CA LEU B 81 -8.00 4.98 12.96
C LEU B 81 -7.90 4.16 14.24
N GLY B 82 -6.68 3.97 14.72
CA GLY B 82 -6.44 3.22 15.94
C GLY B 82 -5.71 4.14 16.90
N VAL B 83 -6.27 4.36 18.08
CA VAL B 83 -5.66 5.24 19.06
C VAL B 83 -5.48 4.57 20.42
N ILE B 84 -4.32 4.78 21.03
CA ILE B 84 -4.03 4.24 22.35
C ILE B 84 -3.52 5.38 23.22
N ASN B 85 -4.16 5.58 24.37
CA ASN B 85 -3.77 6.64 25.29
C ASN B 85 -2.74 6.18 26.32
N ILE B 86 -1.53 6.73 26.24
CA ILE B 86 -0.48 6.36 27.19
C ILE B 86 -0.28 7.46 28.23
N GLY B 87 -1.15 8.46 28.22
CA GLY B 87 -1.04 9.55 29.18
C GLY B 87 -2.17 9.54 30.19
N GLY B 88 -2.55 10.71 30.68
CA GLY B 88 -3.64 10.81 31.65
C GLY B 88 -4.99 10.66 30.99
N ALA B 89 -6.03 10.50 31.79
CA ALA B 89 -7.39 10.34 31.27
C ALA B 89 -7.79 11.45 30.31
N GLY B 90 -8.55 11.07 29.28
CA GLY B 90 -9.01 12.04 28.30
C GLY B 90 -10.29 11.55 27.65
N THR B 91 -10.71 12.23 26.59
CA THR B 91 -11.91 11.83 25.87
C THR B 91 -11.68 11.97 24.39
N ILE B 92 -12.43 11.21 23.61
CA ILE B 92 -12.36 11.27 22.16
C ILE B 92 -13.81 11.33 21.71
N THR B 93 -14.17 12.42 21.04
CA THR B 93 -15.53 12.59 20.56
C THR B 93 -15.58 12.42 19.05
N VAL B 94 -16.33 11.41 18.62
CA VAL B 94 -16.48 11.08 17.21
C VAL B 94 -17.87 11.52 16.73
N ASP B 95 -17.89 12.54 15.89
CA ASP B 95 -19.15 13.07 15.37
C ASP B 95 -20.19 13.26 16.48
N GLY B 96 -19.76 13.89 17.57
CA GLY B 96 -20.68 14.14 18.68
C GLY B 96 -20.74 13.10 19.77
N GLN B 97 -20.31 11.86 19.48
CA GLN B 97 -20.33 10.80 20.47
C GLN B 97 -19.04 10.80 21.29
N CYS B 98 -19.17 11.16 22.57
CA CYS B 98 -18.02 11.23 23.46
C CYS B 98 -17.64 9.91 24.12
N TYR B 99 -16.37 9.53 24.00
CA TYR B 99 -15.86 8.31 24.60
C TYR B 99 -14.84 8.68 25.66
N GLU B 100 -14.97 8.10 26.85
CA GLU B 100 -14.01 8.36 27.92
C GLU B 100 -12.87 7.38 27.70
N ILE B 101 -11.68 7.92 27.44
CA ILE B 101 -10.50 7.11 27.19
C ILE B 101 -9.45 7.36 28.26
N GLY B 102 -9.43 6.52 29.29
CA GLY B 102 -8.47 6.68 30.36
C GLY B 102 -7.09 6.16 29.99
N HIS B 103 -6.19 6.16 30.97
CA HIS B 103 -4.83 5.67 30.74
C HIS B 103 -4.89 4.23 30.27
N ARG B 104 -4.25 3.98 29.13
CA ARG B 104 -4.19 2.67 28.51
C ARG B 104 -5.49 2.16 27.91
N ASP B 105 -6.48 3.05 27.75
CA ASP B 105 -7.71 2.68 27.08
C ASP B 105 -7.38 2.99 25.62
N ALA B 106 -8.14 2.42 24.70
CA ALA B 106 -7.88 2.66 23.28
C ALA B 106 -9.18 2.82 22.53
N LEU B 107 -9.10 3.39 21.33
CA LEU B 107 -10.29 3.58 20.53
C LEU B 107 -10.02 3.33 19.06
N TYR B 108 -10.87 2.52 18.45
CA TYR B 108 -10.78 2.24 17.03
C TYR B 108 -11.90 3.05 16.39
N VAL B 109 -11.57 3.89 15.41
CA VAL B 109 -12.58 4.69 14.72
C VAL B 109 -12.66 4.18 13.28
N GLY B 110 -13.85 3.73 12.89
CA GLY B 110 -14.03 3.21 11.55
C GLY B 110 -14.22 4.23 10.43
N LYS B 111 -14.09 3.76 9.21
CA LYS B 111 -14.26 4.58 8.02
C LYS B 111 -15.63 5.28 8.03
N GLY B 112 -15.66 6.54 7.63
CA GLY B 112 -16.93 7.25 7.60
C GLY B 112 -17.09 8.31 8.68
N ALA B 113 -16.31 8.20 9.75
CA ALA B 113 -16.37 9.19 10.83
C ALA B 113 -15.87 10.50 10.25
N LYS B 114 -16.65 11.57 10.41
CA LYS B 114 -16.28 12.86 9.85
C LYS B 114 -15.31 13.71 10.67
N GLU B 115 -15.55 13.82 11.97
CA GLU B 115 -14.66 14.61 12.80
C GLU B 115 -14.38 13.92 14.13
N VAL B 116 -13.11 13.96 14.53
CA VAL B 116 -12.68 13.34 15.77
C VAL B 116 -11.99 14.41 16.62
N VAL B 117 -12.49 14.60 17.84
CA VAL B 117 -11.94 15.61 18.73
C VAL B 117 -11.31 14.98 19.96
N PHE B 118 -10.05 15.32 20.21
CA PHE B 118 -9.30 14.78 21.34
C PHE B 118 -9.20 15.79 22.48
N ALA B 119 -9.42 15.34 23.71
CA ALA B 119 -9.35 16.20 24.88
C ALA B 119 -8.72 15.51 26.08
N SER B 120 -8.18 16.31 26.99
CA SER B 120 -7.56 15.80 28.22
C SER B 120 -8.44 16.23 29.39
N ILE B 121 -8.56 15.38 30.39
CA ILE B 121 -9.37 15.71 31.56
C ILE B 121 -8.60 16.64 32.50
N ASP B 122 -7.32 16.32 32.73
CA ASP B 122 -6.48 17.12 33.61
C ASP B 122 -5.28 17.68 32.86
N THR B 123 -5.17 19.01 32.83
CA THR B 123 -4.07 19.67 32.15
C THR B 123 -2.73 19.36 32.80
N GLY B 124 -2.77 18.96 34.06
CA GLY B 124 -1.54 18.63 34.78
C GLY B 124 -0.97 17.29 34.33
N THR B 125 -1.86 16.40 33.91
CA THR B 125 -1.46 15.07 33.42
C THR B 125 -2.26 14.83 32.14
N PRO B 126 -1.90 15.54 31.07
CA PRO B 126 -2.56 15.43 29.76
C PRO B 126 -2.56 14.04 29.15
N ALA B 127 -3.60 13.77 28.36
CA ALA B 127 -3.69 12.49 27.68
C ALA B 127 -2.65 12.55 26.57
N LYS B 128 -2.12 11.39 26.20
CA LYS B 128 -1.12 11.31 25.14
C LYS B 128 -1.63 10.25 24.17
N PHE B 129 -2.41 10.70 23.20
CA PHE B 129 -2.99 9.79 22.22
C PHE B 129 -2.06 9.46 21.06
N TYR B 130 -1.57 8.22 21.03
CA TYR B 130 -0.70 7.77 19.95
C TYR B 130 -1.62 7.11 18.94
N TYR B 131 -1.46 7.43 17.66
CA TYR B 131 -2.35 6.85 16.66
C TYR B 131 -1.66 6.35 15.39
N ASN B 132 -2.30 5.37 14.77
CA ASN B 132 -1.86 4.79 13.49
C ASN B 132 -3.13 4.84 12.64
N CYS B 133 -2.99 5.27 11.40
CA CYS B 133 -4.15 5.39 10.51
C CYS B 133 -3.84 4.75 9.16
N ALA B 134 -4.76 3.91 8.69
CA ALA B 134 -4.57 3.21 7.43
C ALA B 134 -5.79 3.23 6.50
N PRO B 135 -5.56 3.07 5.20
CA PRO B 135 -6.64 3.07 4.22
C PRO B 135 -7.63 1.96 4.59
N ALA B 136 -8.92 2.24 4.43
CA ALA B 136 -9.96 1.28 4.76
C ALA B 136 -11.06 1.33 3.71
N HIS B 137 -11.46 0.16 3.20
CA HIS B 137 -12.49 0.08 2.17
C HIS B 137 -13.84 -0.29 2.77
N THR B 138 -13.82 -0.77 4.00
CA THR B 138 -15.02 -1.20 4.71
C THR B 138 -15.21 -0.44 6.01
N THR B 139 -16.47 -0.23 6.39
CA THR B 139 -16.77 0.46 7.63
C THR B 139 -17.06 -0.54 8.74
N TYR B 140 -16.21 -0.54 9.76
CA TYR B 140 -16.40 -1.40 10.92
C TYR B 140 -16.78 -0.47 12.07
N PRO B 141 -17.54 -0.97 13.04
CA PRO B 141 -17.95 -0.14 14.17
C PRO B 141 -16.84 0.46 15.02
N THR B 142 -17.04 1.72 15.40
CA THR B 142 -16.11 2.42 16.26
C THR B 142 -16.19 1.66 17.56
N LYS B 143 -15.06 1.38 18.19
CA LYS B 143 -15.09 0.63 19.44
C LYS B 143 -14.00 1.00 20.44
N LYS B 144 -14.42 1.16 21.69
CA LYS B 144 -13.51 1.48 22.79
C LYS B 144 -12.95 0.16 23.32
N VAL B 145 -11.64 0.11 23.52
CA VAL B 145 -11.01 -1.11 24.03
C VAL B 145 -10.23 -0.80 25.31
N THR B 146 -10.58 -1.49 26.39
CA THR B 146 -9.91 -1.29 27.66
C THR B 146 -9.01 -2.47 27.99
N PRO B 147 -8.12 -2.31 28.98
CA PRO B 147 -7.20 -3.36 29.39
C PRO B 147 -7.89 -4.66 29.81
N ASP B 148 -9.00 -4.56 30.55
CA ASP B 148 -9.69 -5.76 30.99
C ASP B 148 -10.39 -6.48 29.84
N GLU B 149 -10.43 -5.84 28.67
CA GLU B 149 -11.04 -6.45 27.50
C GLU B 149 -9.95 -7.14 26.70
N VAL B 150 -8.71 -6.73 26.97
CA VAL B 150 -7.55 -7.30 26.32
C VAL B 150 -7.13 -8.49 27.18
N SER B 151 -6.59 -9.54 26.56
CA SER B 151 -6.15 -10.69 27.32
C SER B 151 -4.63 -10.66 27.44
N PRO B 152 -4.13 -9.98 28.47
CA PRO B 152 -2.68 -9.86 28.71
C PRO B 152 -1.99 -11.21 28.84
N VAL B 153 -0.79 -11.30 28.29
CA VAL B 153 -0.02 -12.52 28.34
C VAL B 153 1.43 -12.19 28.67
N THR B 154 1.96 -12.85 29.70
CA THR B 154 3.34 -12.63 30.11
C THR B 154 4.20 -13.72 29.50
N LEU B 155 5.28 -13.30 28.83
CA LEU B 155 6.19 -14.24 28.20
C LEU B 155 7.63 -13.84 28.48
N GLY B 156 8.57 -14.63 27.95
CA GLY B 156 9.98 -14.33 28.15
C GLY B 156 10.52 -14.74 29.49
N ASP B 157 11.81 -14.47 29.70
CA ASP B 157 12.49 -14.80 30.94
C ASP B 157 13.64 -13.82 31.16
N ASN B 158 13.99 -13.59 32.42
CA ASN B 158 15.08 -12.68 32.75
C ASN B 158 16.40 -13.07 32.07
N LEU B 159 16.66 -14.37 32.00
CA LEU B 159 17.91 -14.87 31.39
C LEU B 159 18.07 -14.44 29.94
N THR B 160 16.95 -14.23 29.26
CA THR B 160 16.97 -13.79 27.87
C THR B 160 16.52 -12.34 27.79
N SER B 161 16.54 -11.68 28.95
CA SER B 161 16.17 -10.27 29.06
C SER B 161 14.94 -9.90 28.22
N ASN B 162 13.93 -10.75 28.21
CA ASN B 162 12.73 -10.47 27.43
C ASN B 162 11.45 -10.74 28.19
N ARG B 163 11.51 -10.69 29.52
CA ARG B 163 10.34 -10.89 30.35
C ARG B 163 9.46 -9.67 30.06
N ARG B 164 8.23 -9.92 29.59
CA ARG B 164 7.35 -8.83 29.23
C ARG B 164 5.87 -9.19 29.27
N THR B 165 5.03 -8.16 29.23
CA THR B 165 3.59 -8.36 29.22
C THR B 165 3.06 -7.83 27.89
N ILE B 166 2.42 -8.70 27.13
CA ILE B 166 1.88 -8.32 25.83
C ILE B 166 0.39 -8.01 25.91
N ASN B 167 0.02 -6.85 25.37
CA ASN B 167 -1.36 -6.40 25.39
C ASN B 167 -1.80 -6.07 23.97
N LYS B 168 -2.59 -6.96 23.37
CA LYS B 168 -3.05 -6.77 22.00
C LYS B 168 -4.43 -6.12 21.97
N TYR B 169 -4.46 -4.83 21.59
CA TYR B 169 -5.70 -4.06 21.54
C TYR B 169 -6.56 -4.24 20.30
N PHE B 170 -5.95 -4.01 19.13
CA PHE B 170 -6.68 -4.11 17.88
C PHE B 170 -6.21 -5.34 17.12
N VAL B 171 -6.91 -6.45 17.33
CA VAL B 171 -6.59 -7.72 16.69
C VAL B 171 -7.91 -8.48 16.47
N PRO B 172 -7.91 -9.44 15.54
CA PRO B 172 -9.08 -10.26 15.21
C PRO B 172 -9.88 -10.77 16.40
N ASP B 173 -9.18 -11.19 17.45
CA ASP B 173 -9.87 -11.71 18.63
C ASP B 173 -10.63 -10.66 19.42
N VAL B 174 -10.30 -9.39 19.20
CA VAL B 174 -10.97 -8.30 19.92
C VAL B 174 -12.01 -7.59 19.07
N LEU B 175 -11.65 -7.24 17.85
CA LEU B 175 -12.58 -6.55 16.94
C LEU B 175 -12.17 -6.70 15.49
N GLU B 176 -13.05 -6.26 14.59
CA GLU B 176 -12.76 -6.33 13.17
C GLU B 176 -12.23 -4.99 12.67
N THR B 177 -11.16 -5.05 11.89
CA THR B 177 -10.57 -3.86 11.29
C THR B 177 -10.26 -4.28 9.86
N CYS B 178 -10.02 -3.31 8.99
CA CYS B 178 -9.70 -3.63 7.61
C CYS B 178 -8.30 -4.22 7.46
N GLN B 179 -7.29 -3.54 8.00
CA GLN B 179 -5.92 -4.03 7.89
C GLN B 179 -5.04 -3.68 9.08
N LEU B 180 -5.53 -2.82 9.96
CA LEU B 180 -4.75 -2.37 11.11
C LEU B 180 -4.84 -3.21 12.38
N SER B 181 -3.69 -3.46 12.98
CA SER B 181 -3.62 -4.18 14.25
C SER B 181 -2.61 -3.41 15.09
N MSE B 182 -2.85 -3.29 16.38
CA MSE B 182 -1.96 -2.57 17.28
C MSE B 182 -1.93 -3.23 18.65
O MSE B 182 -2.90 -3.86 19.07
CB MSE B 182 -2.43 -1.11 17.47
CG MSE B 182 -2.44 -0.24 16.22
SE MSE B 182 -3.05 1.57 16.63
CE MSE B 182 -1.44 2.25 17.48
N GLY B 183 -0.81 -3.08 19.33
CA GLY B 183 -0.66 -3.65 20.65
C GLY B 183 0.35 -2.88 21.46
N LEU B 184 0.37 -3.12 22.77
CA LEU B 184 1.30 -2.46 23.67
C LEU B 184 2.03 -3.53 24.48
N THR B 185 3.35 -3.49 24.46
CA THR B 185 4.17 -4.46 25.18
C THR B 185 5.04 -3.73 26.19
N GLU B 186 4.99 -4.20 27.44
CA GLU B 186 5.78 -3.58 28.49
C GLU B 186 6.83 -4.55 29.02
N LEU B 187 8.10 -4.17 28.92
CA LEU B 187 9.19 -5.01 29.42
C LEU B 187 9.28 -4.86 30.93
N ALA B 188 9.52 -5.97 31.62
CA ALA B 188 9.67 -5.92 33.07
C ALA B 188 10.98 -5.21 33.39
N PRO B 189 11.08 -4.58 34.56
CA PRO B 189 12.31 -3.89 34.93
C PRO B 189 13.52 -4.81 34.75
N GLY B 190 14.60 -4.28 34.17
CA GLY B 190 15.79 -5.08 33.97
C GLY B 190 15.78 -5.94 32.71
N ASN B 191 14.69 -5.91 31.95
CA ASN B 191 14.58 -6.66 30.71
C ASN B 191 14.61 -5.65 29.57
N LEU B 192 15.40 -5.95 28.53
CA LEU B 192 15.70 -4.98 27.44
C LEU B 192 15.23 -5.37 25.99
N TRP B 193 15.11 -6.66 25.69
CA TRP B 193 14.83 -7.10 24.32
C TRP B 193 13.37 -7.29 23.90
N ASN B 194 13.03 -6.72 22.75
CA ASN B 194 11.69 -6.88 22.18
C ASN B 194 11.87 -7.55 20.81
N THR B 195 10.87 -8.31 20.39
CA THR B 195 10.88 -8.99 19.09
C THR B 195 12.16 -9.81 18.87
N MSE B 196 12.51 -10.61 19.86
CA MSE B 196 13.70 -11.45 19.81
C MSE B 196 13.30 -12.89 20.14
O MSE B 196 12.81 -13.16 21.24
CB MSE B 196 14.73 -10.97 20.84
CG MSE B 196 16.05 -10.47 20.26
SE MSE B 196 17.07 -11.86 19.39
CE MSE B 196 17.27 -11.06 17.64
N PRO B 197 13.52 -13.83 19.20
CA PRO B 197 14.09 -13.66 17.87
C PRO B 197 13.25 -12.74 16.98
N CYS B 198 13.87 -12.21 15.93
CA CYS B 198 13.19 -11.31 15.02
C CYS B 198 12.58 -12.01 13.81
N HIS B 199 12.01 -11.21 12.91
CA HIS B 199 11.36 -11.74 11.72
C HIS B 199 11.18 -10.66 10.67
N THR B 200 10.70 -11.07 9.51
CA THR B 200 10.39 -10.15 8.42
C THR B 200 9.10 -10.71 7.82
N HIS B 201 8.32 -9.85 7.19
CA HIS B 201 7.08 -10.28 6.55
C HIS B 201 6.86 -9.43 5.31
N GLU B 202 7.00 -10.07 4.15
CA GLU B 202 6.84 -9.39 2.87
C GLU B 202 5.47 -8.73 2.69
N ARG B 203 4.43 -9.34 3.25
CA ARG B 203 3.09 -8.81 3.05
C ARG B 203 2.52 -7.84 4.08
N ARG B 204 3.33 -7.44 5.06
CA ARG B 204 2.88 -6.49 6.07
C ARG B 204 4.05 -5.61 6.49
N MSE B 205 3.76 -4.52 7.18
CA MSE B 205 4.80 -3.62 7.66
C MSE B 205 4.43 -3.20 9.06
O MSE B 205 3.25 -3.26 9.44
CB MSE B 205 4.92 -2.38 6.74
CG MSE B 205 3.74 -1.40 6.78
SE MSE B 205 3.80 -0.15 8.27
CE MSE B 205 5.28 0.96 7.66
N GLU B 206 5.42 -2.82 9.87
CA GLU B 206 5.15 -2.40 11.24
C GLU B 206 5.84 -1.08 11.57
N VAL B 207 5.26 -0.36 12.53
CA VAL B 207 5.81 0.89 13.03
C VAL B 207 5.86 0.69 14.54
N TYR B 208 7.01 0.96 15.13
CA TYR B 208 7.22 0.81 16.58
C TYR B 208 7.31 2.19 17.25
N PHE B 209 6.71 2.32 18.41
CA PHE B 209 6.74 3.59 19.16
C PHE B 209 7.23 3.29 20.57
N TYR B 210 8.36 3.85 20.95
CA TYR B 210 8.95 3.63 22.28
C TYR B 210 8.68 4.76 23.25
N PHE B 211 8.35 4.40 24.49
CA PHE B 211 8.05 5.39 25.52
C PHE B 211 8.27 4.85 26.94
N ASN B 212 7.92 5.66 27.94
CA ASN B 212 8.11 5.31 29.34
C ASN B 212 9.58 5.03 29.62
N MSE B 213 10.46 5.77 28.96
CA MSE B 213 11.90 5.61 29.12
C MSE B 213 12.49 6.80 29.88
O MSE B 213 12.04 7.93 29.71
CB MSE B 213 12.58 5.52 27.76
CG MSE B 213 12.11 4.37 26.90
SE MSE B 213 12.58 4.67 25.04
CE MSE B 213 14.43 5.18 25.28
N ASP B 214 13.49 6.54 30.71
CA ASP B 214 14.14 7.60 31.46
C ASP B 214 14.90 8.52 30.51
N ASP B 215 15.14 9.75 30.93
CA ASP B 215 15.84 10.73 30.13
C ASP B 215 17.29 10.33 29.80
N ASP B 216 17.86 9.44 30.60
CA ASP B 216 19.24 9.01 30.40
C ASP B 216 19.33 7.64 29.73
N ALA B 217 18.21 7.17 29.17
CA ALA B 217 18.18 5.87 28.52
C ALA B 217 17.87 5.98 27.04
N CYS B 218 18.08 4.88 26.32
CA CYS B 218 17.80 4.88 24.90
C CYS B 218 17.49 3.46 24.49
N VAL B 219 17.14 3.28 23.23
CA VAL B 219 16.87 1.97 22.68
C VAL B 219 17.62 1.88 21.36
N PHE B 220 18.38 0.80 21.20
CA PHE B 220 19.08 0.58 19.94
C PHE B 220 18.10 -0.28 19.15
N HIS B 221 17.37 0.37 18.24
CA HIS B 221 16.39 -0.35 17.42
C HIS B 221 17.09 -0.96 16.22
N MSE B 222 17.05 -2.28 16.12
CA MSE B 222 17.69 -3.00 15.02
C MSE B 222 16.77 -3.08 13.81
O MSE B 222 15.60 -3.43 13.92
CB MSE B 222 18.04 -4.43 15.46
CG MSE B 222 18.87 -4.53 16.73
SE MSE B 222 20.56 -3.57 16.54
CE MSE B 222 21.02 -3.35 18.41
N MSE B 223 17.31 -2.78 12.63
CA MSE B 223 16.53 -2.83 11.41
C MSE B 223 17.39 -3.40 10.29
O MSE B 223 18.54 -3.76 10.51
CB MSE B 223 16.03 -1.43 11.01
CG MSE B 223 17.16 -0.47 10.65
SE MSE B 223 16.52 1.07 9.67
CE MSE B 223 16.26 0.21 7.95
N GLY B 224 16.81 -3.45 9.09
CA GLY B 224 17.51 -3.92 7.92
C GLY B 224 17.27 -5.38 7.59
N GLN B 225 17.79 -5.82 6.45
CA GLN B 225 17.67 -7.23 6.08
C GLN B 225 18.50 -7.95 7.13
N PRO B 226 18.12 -9.20 7.48
CA PRO B 226 18.84 -10.00 8.47
C PRO B 226 20.36 -10.04 8.36
N GLN B 227 20.86 -10.12 7.13
CA GLN B 227 22.30 -10.17 6.90
C GLN B 227 22.93 -8.81 6.65
N GLU B 228 22.14 -7.75 6.75
CA GLU B 228 22.61 -6.39 6.52
C GLU B 228 21.94 -5.47 7.53
N THR B 229 22.01 -5.84 8.80
CA THR B 229 21.37 -5.04 9.84
C THR B 229 22.03 -3.71 10.14
N ARG B 230 21.20 -2.77 10.59
CA ARG B 230 21.63 -1.43 10.95
C ARG B 230 20.87 -1.11 12.23
N HIS B 231 21.17 0.03 12.85
CA HIS B 231 20.45 0.41 14.05
C HIS B 231 20.21 1.90 14.10
N ILE B 232 19.16 2.28 14.81
CA ILE B 232 18.83 3.67 15.01
C ILE B 232 18.72 3.81 16.51
N VAL B 233 19.41 4.78 17.08
CA VAL B 233 19.39 4.98 18.53
C VAL B 233 18.28 5.96 18.83
N MSE B 234 17.30 5.49 19.59
CA MSE B 234 16.14 6.32 19.88
C MSE B 234 15.94 6.64 21.34
O MSE B 234 16.38 5.90 22.22
CB MSE B 234 14.90 5.63 19.33
CG MSE B 234 14.99 5.37 17.84
SE MSE B 234 13.80 4.00 17.31
CE MSE B 234 12.15 5.04 17.32
N HIS B 235 15.25 7.75 21.59
CA HIS B 235 14.96 8.12 22.97
C HIS B 235 13.45 8.16 23.19
N ASN B 236 13.06 8.49 24.42
CA ASN B 236 11.65 8.51 24.80
C ASN B 236 10.66 9.14 23.82
N GLU B 237 9.57 8.41 23.59
CA GLU B 237 8.48 8.85 22.72
C GLU B 237 8.88 9.19 21.29
N GLN B 238 9.54 8.22 20.63
CA GLN B 238 9.95 8.36 19.25
C GLN B 238 9.50 7.09 18.53
N ALA B 239 9.17 7.21 17.24
CA ALA B 239 8.70 6.07 16.47
C ALA B 239 9.65 5.73 15.33
N VAL B 240 9.55 4.49 14.84
CA VAL B 240 10.39 4.04 13.74
C VAL B 240 9.59 3.20 12.74
N ILE B 241 9.76 3.54 11.47
CA ILE B 241 9.07 2.89 10.36
C ILE B 241 9.89 1.74 9.80
N SER B 242 9.26 0.58 9.63
CA SER B 242 9.97 -0.58 9.11
C SER B 242 9.46 -1.13 7.77
N PRO B 243 10.30 -1.04 6.73
CA PRO B 243 9.92 -1.55 5.40
C PRO B 243 9.64 -3.04 5.51
N SER B 244 8.89 -3.60 4.57
CA SER B 244 8.57 -5.03 4.63
C SER B 244 9.80 -5.95 4.56
N TRP B 245 10.87 -5.49 3.94
CA TRP B 245 12.09 -6.30 3.84
C TRP B 245 12.97 -6.16 5.08
N SER B 246 12.56 -5.34 6.03
CA SER B 246 13.35 -5.10 7.23
C SER B 246 12.86 -5.76 8.52
N ILE B 247 13.80 -6.05 9.41
CA ILE B 247 13.45 -6.61 10.70
C ILE B 247 13.14 -5.40 11.56
N HIS B 248 12.67 -5.65 12.78
CA HIS B 248 12.38 -4.59 13.73
C HIS B 248 12.45 -5.21 15.11
N SER B 249 13.58 -4.99 15.77
CA SER B 249 13.84 -5.54 17.11
C SER B 249 14.68 -4.52 17.87
N GLY B 250 14.32 -4.25 19.11
CA GLY B 250 15.09 -3.28 19.85
C GLY B 250 15.60 -3.75 21.20
N VAL B 251 16.69 -3.15 21.65
CA VAL B 251 17.25 -3.47 22.94
C VAL B 251 17.55 -2.15 23.65
N GLY B 252 16.97 -1.98 24.83
CA GLY B 252 17.20 -0.75 25.55
C GLY B 252 18.38 -0.80 26.49
N THR B 253 18.69 0.34 27.10
CA THR B 253 19.78 0.41 28.07
C THR B 253 19.09 0.23 29.43
N LYS B 254 17.77 0.27 29.40
CA LYS B 254 16.90 0.08 30.57
C LYS B 254 15.54 -0.39 30.03
N ALA B 255 14.70 -0.93 30.91
CA ALA B 255 13.38 -1.39 30.49
C ALA B 255 12.58 -0.23 29.92
N TYR B 256 11.59 -0.56 29.10
CA TYR B 256 10.76 0.45 28.47
C TYR B 256 9.45 -0.19 28.00
N THR B 257 8.59 0.62 27.41
CA THR B 257 7.33 0.13 26.89
C THR B 257 7.27 0.57 25.44
N PHE B 258 6.56 -0.18 24.61
CA PHE B 258 6.44 0.22 23.23
C PHE B 258 5.12 -0.26 22.64
N ILE B 259 4.70 0.43 21.58
CA ILE B 259 3.47 0.10 20.89
C ILE B 259 3.86 -0.28 19.47
N TRP B 260 3.27 -1.36 18.97
CA TRP B 260 3.52 -1.77 17.61
C TRP B 260 2.23 -1.58 16.83
N GLY B 261 2.37 -1.20 15.57
CA GLY B 261 1.22 -1.01 14.70
C GLY B 261 1.56 -1.77 13.42
N MSE B 262 0.61 -2.47 12.86
CA MSE B 262 0.87 -3.27 11.66
C MSE B 262 -0.26 -3.20 10.65
O MSE B 262 -1.43 -3.27 11.00
CB MSE B 262 1.13 -4.72 12.08
CG MSE B 262 1.40 -5.70 10.95
SE MSE B 262 2.22 -7.33 11.60
CE MSE B 262 0.78 -7.93 12.73
N VAL B 263 0.12 -3.06 9.39
CA VAL B 263 -0.83 -3.00 8.28
C VAL B 263 -0.27 -3.83 7.14
N GLY B 264 -1.07 -4.04 6.10
CA GLY B 264 -0.61 -4.85 4.99
C GLY B 264 -1.78 -5.48 4.25
N GLU B 265 -1.48 -6.46 3.40
CA GLU B 265 -2.55 -7.09 2.63
C GLU B 265 -3.25 -8.26 3.33
N ASN B 266 -2.76 -8.64 4.52
CA ASN B 266 -3.40 -9.70 5.28
C ASN B 266 -3.15 -9.45 6.76
N GLN B 267 -3.87 -10.17 7.62
CA GLN B 267 -3.70 -10.03 9.05
C GLN B 267 -3.38 -11.41 9.63
N VAL B 268 -2.58 -12.15 8.87
CA VAL B 268 -2.13 -13.49 9.25
C VAL B 268 -0.78 -13.27 9.91
N PHE B 269 -0.80 -13.13 11.23
CA PHE B 269 0.39 -12.84 11.99
C PHE B 269 1.47 -13.92 11.97
N ASP B 270 1.10 -15.12 11.55
CA ASP B 270 2.05 -16.22 11.46
C ASP B 270 2.64 -16.28 10.04
N ASP B 271 2.16 -15.42 9.16
CA ASP B 271 2.67 -15.36 7.79
C ASP B 271 3.92 -14.48 7.82
N MSE B 272 5.02 -15.06 8.27
CA MSE B 272 6.26 -14.33 8.37
C MSE B 272 7.46 -15.26 8.26
O MSE B 272 7.32 -16.49 8.29
CB MSE B 272 6.32 -13.60 9.72
CG MSE B 272 6.06 -14.52 10.91
SE MSE B 272 6.45 -13.73 12.64
CE MSE B 272 8.06 -14.70 13.09
N ASP B 273 8.64 -14.66 8.13
CA ASP B 273 9.87 -15.43 8.04
C ASP B 273 10.59 -15.29 9.37
N HIS B 274 10.61 -16.35 10.15
CA HIS B 274 11.29 -16.35 11.44
C HIS B 274 12.80 -16.33 11.21
N VAL B 275 13.50 -15.49 11.97
CA VAL B 275 14.94 -15.40 11.84
C VAL B 275 15.63 -15.68 13.16
N ALA B 276 16.33 -16.80 13.26
CA ALA B 276 17.05 -17.15 14.48
C ALA B 276 18.21 -16.18 14.58
N VAL B 277 18.40 -15.60 15.75
CA VAL B 277 19.49 -14.63 15.95
C VAL B 277 20.86 -15.20 15.55
N LYS B 278 21.01 -16.52 15.66
CA LYS B 278 22.28 -17.16 15.31
C LYS B 278 22.58 -17.05 13.82
N GLU B 279 21.54 -16.80 13.02
CA GLU B 279 21.70 -16.66 11.57
C GLU B 279 22.37 -15.33 11.26
N ILE B 280 22.10 -14.33 12.09
CA ILE B 280 22.66 -13.00 11.91
C ILE B 280 24.15 -12.96 12.16
N CYS B 281 24.61 -13.75 13.13
CA CYS B 281 26.03 -13.80 13.48
C CYS B 281 26.73 -15.04 12.94
ZN ZN C . -1.41 8.83 -13.28
OH2 1PE D . -13.13 11.03 -19.46
C12 1PE D . -12.11 11.93 -19.09
C22 1PE D . -10.91 11.80 -20.04
OH3 1PE D . -10.12 10.71 -19.66
C13 1PE D . -7.94 9.72 -19.40
C23 1PE D . -8.73 10.99 -19.68
OH4 1PE D . -7.99 9.42 -18.03
C14 1PE D . -7.69 7.88 -16.23
C24 1PE D . -7.45 8.16 -17.70
OH5 1PE D . -9.08 7.84 -15.99
C15 1PE D . -10.93 7.51 -14.49
C25 1PE D . -9.42 7.78 -14.63
OH6 1PE D . -11.63 8.71 -14.28
C16 1PE D . -13.53 10.02 -15.17
C26 1PE D . -12.87 8.66 -14.91
OH7 1PE D . -14.32 9.79 -16.34
ZN ZN E . 6.85 -7.56 12.18
OH2 1PE F . 0.38 -14.06 21.48
C12 1PE F . 1.66 -14.50 21.12
C22 1PE F . 2.71 -13.41 21.38
OH3 1PE F . 2.61 -12.41 20.40
C13 1PE F . 3.52 -10.24 19.89
C23 1PE F . 3.81 -11.71 20.21
OH4 1PE F . 3.32 -10.10 18.51
C14 1PE F . 1.63 -9.37 16.97
C24 1PE F . 2.49 -9.01 18.18
OH5 1PE F . 0.40 -9.91 17.42
C15 1PE F . -1.86 -10.56 16.93
C25 1PE F . -0.63 -9.77 16.46
OH6 1PE F . -1.62 -11.94 16.93
C16 1PE F . -2.00 -13.94 18.36
C26 1PE F . -2.45 -12.55 17.88
OH7 1PE F . -2.50 -14.01 19.70
#